data_3G11
#
_entry.id   3G11
#
_cell.length_a   76.283
_cell.length_b   76.283
_cell.length_c   146.579
_cell.angle_alpha   90.00
_cell.angle_beta   90.00
_cell.angle_gamma   120.00
#
_symmetry.space_group_name_H-M   'P 31 2 1'
#
loop_
_entity.id
_entity.type
_entity.pdbx_description
1 polymer '3-oxoacyl-[acyl-carrier-protein] synthase 2'
2 non-polymer '3-({3-[(1S,4S,4aS,6S,7S,9S,9aR)-1,6-dimethyl-2-oxo-4-phenyldecahydro-6,9-epoxy-4a,7-methanobenzo[7]annulen-1-yl]propanoyl}amino)-2,4-dihydroxybenzoic acid'
3 water water
#
_entity_poly.entity_id   1
_entity_poly.type   'polypeptide(L)'
_entity_poly.pdbx_seq_one_letter_code
;MRGSHHHHHHGSACVSKRRVVVTGLGMLSPVGNTVESTWKALLAGQSGISLIDHFDTSAYATKFAGLVKDFNCEDIISRK
EQRKMDAFIQYGIVAGVQAMQDSGLEITEENATRIGAAIGSGIGGLGLIEENHTSLMNGGPRKISPFFVPSTIVNMVAGH
LTIMYGLRGPSISIATAQTSGVHNIGHAARIIAYGDADVMVAGGAEKASTPLGVGGFGAARALSTRNDNPQAASRPWDKE
RDGFVLGDGAGMLVLEEYEHAKKRGAKIYAELVGFGMSSDAYHMTSPPENGAGAALAMANALRDAGIEASQIGYVNAHGT
STPAGDKAEAQAVKTIFGEAASRVLVSSTKSMTGHLLGAAGAVESIYSILALRDQAVPPTINLDNPDEGCDLDFVPHEAR
QVSGMEYTLCNSFGFGGTNGSLIFKKI
;
_entity_poly.pdbx_strand_id   A
#
# COMPACT_ATOMS: atom_id res chain seq x y z
N LYS A 17 12.07 23.29 12.35
CA LYS A 17 11.56 22.60 11.16
C LYS A 17 12.11 21.18 11.12
N ARG A 18 11.30 20.22 11.55
CA ARG A 18 11.76 18.84 11.61
C ARG A 18 11.56 18.04 10.32
N ARG A 19 12.65 17.44 9.84
CA ARG A 19 12.60 16.65 8.62
C ARG A 19 12.36 15.21 8.99
N VAL A 20 11.76 14.45 8.06
CA VAL A 20 11.42 13.06 8.30
C VAL A 20 12.06 12.18 7.26
N VAL A 21 12.78 11.17 7.72
CA VAL A 21 13.46 10.26 6.81
C VAL A 21 12.97 8.84 7.05
N VAL A 22 13.26 7.95 6.10
CA VAL A 22 12.86 6.56 6.18
C VAL A 22 14.11 5.76 6.50
N THR A 23 14.08 5.04 7.63
CA THR A 23 15.21 4.27 8.15
C THR A 23 14.95 2.77 8.32
N GLY A 24 13.81 2.27 7.88
CA GLY A 24 13.50 0.86 8.02
C GLY A 24 12.39 0.45 7.08
N LEU A 25 12.48 -0.74 6.48
CA LEU A 25 11.43 -1.24 5.57
C LEU A 25 11.07 -2.68 5.88
N GLY A 26 9.78 -3.03 5.70
CA GLY A 26 9.27 -4.37 5.96
C GLY A 26 8.14 -4.67 4.98
N MET A 27 8.02 -5.91 4.53
CA MET A 27 7.00 -6.18 3.54
C MET A 27 6.74 -7.62 3.23
N LEU A 28 5.47 -7.90 2.94
CA LEU A 28 4.98 -9.21 2.51
C LEU A 28 4.13 -8.84 1.29
N SER A 29 4.33 -9.53 0.19
CA SER A 29 3.57 -9.21 -1.01
C SER A 29 3.35 -10.48 -1.80
N PRO A 30 2.53 -10.38 -2.86
CA PRO A 30 2.30 -11.61 -3.64
C PRO A 30 3.53 -12.07 -4.45
N VAL A 31 4.56 -11.22 -4.51
CA VAL A 31 5.79 -11.55 -5.26
C VAL A 31 7.05 -11.68 -4.39
N GLY A 32 6.90 -11.66 -3.07
CA GLY A 32 8.06 -11.81 -2.20
C GLY A 32 7.68 -11.64 -0.75
N ASN A 33 8.38 -12.36 0.15
CA ASN A 33 8.11 -12.26 1.59
C ASN A 33 9.10 -11.38 2.33
N THR A 34 9.83 -10.56 1.60
CA THR A 34 10.78 -9.61 2.19
C THR A 34 10.78 -8.43 1.23
N VAL A 35 11.36 -7.31 1.65
CA VAL A 35 11.43 -6.13 0.84
C VAL A 35 12.29 -6.33 -0.43
N GLU A 36 13.50 -6.90 -0.27
CA GLU A 36 14.42 -7.09 -1.40
C GLU A 36 13.95 -8.12 -2.40
N SER A 37 13.40 -9.24 -1.93
CA SER A 37 12.89 -10.22 -2.88
C SER A 37 11.71 -9.66 -3.68
N THR A 38 10.86 -8.88 -3.02
CA THR A 38 9.73 -8.30 -3.71
C THR A 38 10.21 -7.35 -4.79
N TRP A 39 11.10 -6.45 -4.41
CA TRP A 39 11.60 -5.43 -5.36
C TRP A 39 12.26 -6.08 -6.57
N LYS A 40 13.05 -7.10 -6.32
CA LYS A 40 13.70 -7.82 -7.42
C LYS A 40 12.64 -8.43 -8.40
N ALA A 41 11.62 -9.07 -7.85
CA ALA A 41 10.58 -9.67 -8.70
C ALA A 41 9.87 -8.61 -9.54
N LEU A 42 9.64 -7.45 -8.93
CA LEU A 42 8.96 -6.36 -9.63
C LEU A 42 9.80 -5.86 -10.81
N LEU A 43 11.10 -5.67 -10.60
CA LEU A 43 11.99 -5.19 -11.66
C LEU A 43 12.14 -6.24 -12.77
N ALA A 44 11.88 -7.50 -12.45
CA ALA A 44 11.93 -8.61 -13.39
C ALA A 44 10.56 -8.83 -14.08
N GLY A 45 9.56 -8.00 -13.75
CA GLY A 45 8.23 -8.11 -14.33
C GLY A 45 7.41 -9.35 -13.98
N GLN A 46 7.66 -9.92 -12.81
CA GLN A 46 6.93 -11.12 -12.40
C GLN A 46 5.57 -10.85 -11.78
N SER A 47 4.58 -11.63 -12.19
CA SER A 47 3.24 -11.53 -11.66
C SER A 47 3.14 -12.40 -10.41
N GLY A 48 2.40 -11.96 -9.40
CA GLY A 48 2.21 -12.77 -8.22
C GLY A 48 0.80 -13.30 -8.18
N ILE A 49 0.07 -13.17 -9.29
CA ILE A 49 -1.33 -13.62 -9.33
C ILE A 49 -1.54 -15.10 -9.58
N SER A 50 -2.44 -15.73 -8.81
CA SER A 50 -2.73 -17.14 -9.03
C SER A 50 -4.16 -17.52 -8.68
N LEU A 51 -4.56 -18.73 -9.04
CA LEU A 51 -5.90 -19.20 -8.77
C LEU A 51 -6.03 -19.41 -7.27
N ILE A 52 -7.19 -19.06 -6.72
CA ILE A 52 -7.43 -19.23 -5.31
C ILE A 52 -7.74 -20.68 -5.04
N ASP A 53 -7.15 -21.25 -4.01
CA ASP A 53 -7.49 -22.63 -3.67
C ASP A 53 -7.94 -22.82 -2.23
N HIS A 54 -7.88 -21.75 -1.42
CA HIS A 54 -8.30 -21.85 -0.01
C HIS A 54 -9.81 -21.81 0.26
N PHE A 55 -10.60 -21.40 -0.74
CA PHE A 55 -12.06 -21.55 -0.61
C PHE A 55 -12.55 -22.00 -1.98
N ASP A 56 -13.71 -22.66 -2.04
CA ASP A 56 -14.30 -23.13 -3.32
C ASP A 56 -14.82 -21.91 -4.11
N THR A 57 -14.20 -21.65 -5.25
CA THR A 57 -14.53 -20.51 -6.10
C THR A 57 -15.53 -20.85 -7.24
N SER A 58 -16.08 -22.06 -7.24
CA SER A 58 -17.03 -22.47 -8.31
C SER A 58 -18.08 -21.42 -8.63
N ALA A 59 -18.74 -20.90 -7.59
CA ALA A 59 -19.81 -19.89 -7.76
C ALA A 59 -19.35 -18.45 -7.96
N TYR A 60 -18.03 -18.23 -7.87
CA TYR A 60 -17.42 -16.92 -7.96
C TYR A 60 -17.01 -16.49 -9.37
N ALA A 61 -17.37 -15.27 -9.74
CA ALA A 61 -17.06 -14.75 -11.04
C ALA A 61 -15.55 -14.54 -11.18
N THR A 62 -14.89 -14.22 -10.06
CA THR A 62 -13.44 -14.00 -10.02
C THR A 62 -12.86 -15.15 -9.19
N LYS A 63 -11.89 -15.87 -9.74
CA LYS A 63 -11.37 -17.06 -9.04
C LYS A 63 -9.88 -17.03 -8.74
N PHE A 64 -9.28 -15.86 -8.82
CA PHE A 64 -7.85 -15.67 -8.62
C PHE A 64 -7.58 -14.41 -7.81
N ALA A 65 -6.37 -14.32 -7.26
CA ALA A 65 -5.95 -13.14 -6.48
C ALA A 65 -4.42 -13.22 -6.32
N GLY A 66 -3.82 -12.16 -5.78
CA GLY A 66 -2.41 -12.07 -5.46
C GLY A 66 -2.25 -12.50 -4.00
N LEU A 67 -1.84 -13.74 -3.79
CA LEU A 67 -1.72 -14.31 -2.47
C LEU A 67 -0.30 -14.29 -1.94
N VAL A 68 -0.19 -14.21 -0.62
CA VAL A 68 1.12 -14.25 0.06
C VAL A 68 1.45 -15.74 0.10
N LYS A 69 2.60 -16.12 -0.47
CA LYS A 69 2.97 -17.54 -0.49
C LYS A 69 3.80 -18.00 0.69
N ASP A 70 3.45 -19.17 1.22
CA ASP A 70 4.23 -19.74 2.33
C ASP A 70 4.45 -18.78 3.49
N PHE A 71 3.40 -18.10 3.88
CA PHE A 71 3.52 -17.15 4.97
C PHE A 71 4.03 -17.86 6.23
N ASN A 72 5.08 -17.31 6.86
CA ASN A 72 5.63 -17.89 8.07
C ASN A 72 5.86 -16.95 9.25
N CYS A 73 5.16 -17.21 10.35
CA CYS A 73 5.31 -16.37 11.53
C CYS A 73 5.62 -17.15 12.80
N GLU A 74 5.72 -18.47 12.66
CA GLU A 74 6.01 -19.38 13.80
C GLU A 74 7.01 -18.84 14.81
N ASP A 75 8.09 -18.25 14.27
CA ASP A 75 9.15 -17.69 15.07
C ASP A 75 8.92 -16.26 15.59
N ILE A 76 7.86 -15.60 15.12
CA ILE A 76 7.56 -14.22 15.49
C ILE A 76 6.30 -14.12 16.37
N ILE A 77 5.35 -15.01 16.10
CA ILE A 77 4.11 -15.07 16.84
C ILE A 77 3.84 -16.52 17.23
N SER A 78 3.57 -16.79 18.50
CA SER A 78 3.25 -18.16 18.93
C SER A 78 2.00 -18.60 18.19
N ARG A 79 1.76 -19.91 18.11
CA ARG A 79 0.54 -20.39 17.45
C ARG A 79 -0.60 -20.10 18.43
N LYS A 80 -0.21 -19.71 19.64
CA LYS A 80 -1.14 -19.37 20.70
C LYS A 80 -1.66 -17.94 20.53
N GLU A 81 -0.74 -17.00 20.28
CA GLU A 81 -1.12 -15.60 20.06
C GLU A 81 -1.81 -15.58 18.71
N GLN A 82 -1.37 -16.44 17.80
CA GLN A 82 -1.97 -16.50 16.47
C GLN A 82 -3.45 -16.70 16.46
N ARG A 83 -3.93 -17.53 17.38
CA ARG A 83 -5.35 -17.82 17.51
C ARG A 83 -6.17 -16.55 17.76
N LYS A 84 -5.53 -15.50 18.22
CA LYS A 84 -6.19 -14.24 18.54
C LYS A 84 -6.13 -13.17 17.43
N MET A 85 -5.65 -13.57 16.26
CA MET A 85 -5.44 -12.64 15.16
C MET A 85 -5.90 -13.08 13.81
N ASP A 86 -6.52 -12.17 13.08
CA ASP A 86 -6.91 -12.48 11.71
C ASP A 86 -5.61 -12.46 10.92
N ALA A 87 -5.59 -13.10 9.76
CA ALA A 87 -4.39 -13.07 8.93
C ALA A 87 -3.89 -11.66 8.63
N PHE A 88 -4.79 -10.67 8.46
CA PHE A 88 -4.24 -9.34 8.17
C PHE A 88 -3.33 -8.81 9.27
N ILE A 89 -3.71 -9.12 10.50
CA ILE A 89 -2.90 -8.69 11.65
C ILE A 89 -1.56 -9.46 11.68
N GLN A 90 -1.61 -10.75 11.40
CA GLN A 90 -0.38 -11.56 11.37
C GLN A 90 0.56 -10.96 10.34
N TYR A 91 0.04 -10.68 9.13
CA TYR A 91 0.87 -10.07 8.10
C TYR A 91 1.44 -8.74 8.57
N GLY A 92 0.62 -7.86 9.13
CA GLY A 92 1.13 -6.57 9.52
C GLY A 92 2.21 -6.62 10.59
N ILE A 93 2.05 -7.55 11.53
CA ILE A 93 3.03 -7.70 12.62
C ILE A 93 4.40 -8.19 12.04
N VAL A 94 4.36 -9.18 11.16
CA VAL A 94 5.59 -9.70 10.51
C VAL A 94 6.26 -8.59 9.72
N ALA A 95 5.49 -7.85 8.92
CA ALA A 95 6.12 -6.73 8.17
C ALA A 95 6.65 -5.65 9.09
N GLY A 96 5.96 -5.39 10.19
CA GLY A 96 6.44 -4.36 11.12
C GLY A 96 7.69 -4.82 11.87
N VAL A 97 7.76 -6.11 12.20
CA VAL A 97 8.97 -6.63 12.87
C VAL A 97 10.12 -6.50 11.84
N GLN A 98 9.87 -6.85 10.58
CA GLN A 98 10.92 -6.70 9.56
C GLN A 98 11.44 -5.27 9.54
N ALA A 99 10.53 -4.29 9.56
CA ALA A 99 10.94 -2.88 9.49
C ALA A 99 11.69 -2.42 10.75
N MET A 100 11.23 -2.88 11.91
CA MET A 100 11.86 -2.49 13.19
C MET A 100 13.31 -3.06 13.22
N GLN A 101 13.45 -4.33 12.83
CA GLN A 101 14.77 -4.98 12.80
C GLN A 101 15.67 -4.26 11.79
N ASP A 102 15.13 -4.00 10.60
CA ASP A 102 15.85 -3.28 9.56
C ASP A 102 16.37 -1.92 10.01
N SER A 103 15.57 -1.18 10.80
CA SER A 103 15.96 0.16 11.28
C SER A 103 17.14 0.14 12.24
N GLY A 104 17.29 -0.93 12.99
CA GLY A 104 18.34 -1.08 13.99
C GLY A 104 18.08 -0.26 15.25
N LEU A 105 16.92 0.36 15.34
CA LEU A 105 16.59 1.19 16.51
C LEU A 105 16.47 0.36 17.78
N GLU A 106 17.00 0.89 18.87
CA GLU A 106 16.93 0.20 20.15
C GLU A 106 15.97 0.94 21.05
N ILE A 107 14.95 0.25 21.55
CA ILE A 107 13.97 0.88 22.42
C ILE A 107 14.49 0.91 23.86
N THR A 108 14.44 2.09 24.48
CA THR A 108 14.86 2.31 25.87
C THR A 108 13.75 2.95 26.68
N GLU A 109 13.95 3.05 27.99
CA GLU A 109 12.97 3.71 28.85
C GLU A 109 12.88 5.18 28.44
N GLU A 110 14.02 5.75 28.10
CA GLU A 110 14.12 7.14 27.67
C GLU A 110 13.37 7.41 26.37
N ASN A 111 13.48 6.48 25.43
CA ASN A 111 12.91 6.50 24.07
C ASN A 111 11.47 6.15 23.88
N ALA A 112 11.02 5.17 24.67
CA ALA A 112 9.75 4.53 24.48
C ALA A 112 8.60 5.47 24.15
N THR A 113 8.53 6.51 24.94
CA THR A 113 7.52 7.54 24.90
C THR A 113 7.52 8.38 23.60
N ARG A 114 8.61 8.28 22.85
CA ARG A 114 8.78 9.06 21.64
C ARG A 114 8.68 8.27 20.32
N ILE A 115 8.33 7.00 20.44
CA ILE A 115 8.17 6.08 19.31
C ILE A 115 6.76 5.53 19.32
N GLY A 116 6.07 5.63 18.17
CA GLY A 116 4.70 5.19 18.06
C GLY A 116 4.42 4.50 16.74
N ALA A 117 3.14 4.43 16.36
CA ALA A 117 2.78 3.77 15.10
C ALA A 117 1.52 4.38 14.52
N ALA A 118 1.45 4.35 13.19
CA ALA A 118 0.28 4.77 12.40
C ALA A 118 0.08 3.66 11.37
N ILE A 119 -0.73 2.67 11.71
CA ILE A 119 -0.93 1.52 10.82
C ILE A 119 -2.40 1.23 10.66
N GLY A 120 -2.85 1.06 9.42
CA GLY A 120 -4.24 0.76 9.16
C GLY A 120 -4.45 -0.36 8.18
N SER A 121 -5.69 -0.40 7.69
CA SER A 121 -6.18 -1.43 6.78
C SER A 121 -7.48 -0.87 6.20
N GLY A 122 -7.84 -1.37 5.02
CA GLY A 122 -9.06 -0.93 4.37
C GLY A 122 -10.30 -1.64 4.88
N ILE A 123 -10.24 -2.96 5.02
CA ILE A 123 -11.39 -3.76 5.45
C ILE A 123 -11.18 -4.56 6.73
N GLY A 124 -9.92 -4.76 7.11
CA GLY A 124 -9.66 -5.48 8.35
C GLY A 124 -9.88 -6.97 8.27
N GLY A 125 -10.22 -7.58 9.40
CA GLY A 125 -10.34 -9.02 9.55
C GLY A 125 -11.50 -9.77 8.94
N LEU A 126 -11.65 -9.74 7.62
CA LEU A 126 -12.74 -10.47 6.98
C LEU A 126 -12.80 -11.98 7.27
N GLY A 127 -11.65 -12.64 7.28
CA GLY A 127 -11.60 -14.08 7.56
C GLY A 127 -12.20 -14.49 8.90
N LEU A 128 -11.82 -13.81 9.98
CA LEU A 128 -12.35 -14.15 11.30
C LEU A 128 -13.76 -13.56 11.51
N ILE A 129 -14.11 -12.53 10.73
CA ILE A 129 -15.46 -11.97 10.82
C ILE A 129 -16.35 -13.09 10.31
N GLU A 130 -15.97 -13.66 9.17
CA GLU A 130 -16.74 -14.75 8.56
C GLU A 130 -16.79 -16.00 9.42
N GLU A 131 -15.65 -16.35 10.01
CA GLU A 131 -15.60 -17.53 10.90
C GLU A 131 -16.51 -17.31 12.12
N ASN A 132 -16.45 -16.13 12.75
CA ASN A 132 -17.29 -15.90 13.92
C ASN A 132 -18.78 -15.83 13.57
N HIS A 133 -19.09 -15.20 12.42
CA HIS A 133 -20.50 -15.13 12.02
C HIS A 133 -21.04 -16.51 11.67
N THR A 134 -20.21 -17.34 11.00
CA THR A 134 -20.63 -18.72 10.67
C THR A 134 -20.94 -19.45 11.99
N SER A 135 -20.05 -19.30 12.97
CA SER A 135 -20.21 -19.91 14.30
C SER A 135 -21.52 -19.47 14.97
N LEU A 136 -21.82 -18.17 14.87
CA LEU A 136 -23.06 -17.65 15.45
C LEU A 136 -24.27 -18.26 14.74
N MET A 137 -24.21 -18.32 13.43
CA MET A 137 -25.35 -18.87 12.67
C MET A 137 -25.56 -20.35 13.01
N ASN A 138 -24.46 -21.09 13.15
CA ASN A 138 -24.57 -22.52 13.41
C ASN A 138 -24.88 -22.87 14.84
N GLY A 139 -24.29 -22.17 15.78
CA GLY A 139 -24.52 -22.51 17.16
C GLY A 139 -24.92 -21.43 18.15
N GLY A 140 -25.33 -20.25 17.69
CA GLY A 140 -25.73 -19.21 18.63
C GLY A 140 -24.56 -18.39 19.15
N PRO A 141 -24.83 -17.29 19.87
CA PRO A 141 -23.74 -16.44 20.35
C PRO A 141 -22.69 -17.06 21.26
N ARG A 142 -23.00 -18.19 21.91
CA ARG A 142 -22.02 -18.81 22.80
C ARG A 142 -20.83 -19.29 21.99
N LYS A 143 -21.02 -19.42 20.70
CA LYS A 143 -19.95 -19.93 19.81
C LYS A 143 -19.06 -18.81 19.28
N ILE A 144 -19.38 -17.57 19.62
CA ILE A 144 -18.54 -16.47 19.17
C ILE A 144 -17.26 -16.49 20.02
N SER A 145 -16.13 -16.32 19.36
CA SER A 145 -14.85 -16.28 20.06
C SER A 145 -14.72 -15.09 21.01
N PRO A 146 -14.06 -15.28 22.17
CA PRO A 146 -13.81 -14.14 23.08
C PRO A 146 -12.91 -13.14 22.35
N PHE A 147 -12.19 -13.63 21.33
CA PHE A 147 -11.30 -12.73 20.55
C PHE A 147 -11.90 -12.06 19.31
N PHE A 148 -13.20 -12.24 19.09
CA PHE A 148 -13.86 -11.61 17.94
C PHE A 148 -13.43 -10.14 17.67
N VAL A 149 -13.70 -9.24 18.59
CA VAL A 149 -13.33 -7.84 18.40
C VAL A 149 -11.80 -7.59 18.23
N PRO A 150 -10.99 -7.97 19.23
CA PRO A 150 -9.56 -7.66 19.03
C PRO A 150 -8.85 -8.41 17.88
N SER A 151 -9.48 -9.42 17.31
CA SER A 151 -8.86 -10.21 16.24
C SER A 151 -9.25 -9.71 14.84
N THR A 152 -10.23 -8.79 14.78
CA THR A 152 -10.70 -8.34 13.47
C THR A 152 -10.57 -6.84 13.21
N ILE A 153 -10.59 -6.03 14.26
CA ILE A 153 -10.56 -4.57 14.10
C ILE A 153 -9.26 -3.97 13.56
N VAL A 154 -9.42 -2.89 12.81
CA VAL A 154 -8.33 -2.24 12.08
C VAL A 154 -7.06 -1.84 12.79
N ASN A 155 -7.22 -1.32 13.99
CA ASN A 155 -6.12 -0.81 14.79
C ASN A 155 -5.28 -1.88 15.53
N MET A 156 -5.63 -3.15 15.37
CA MET A 156 -4.94 -4.22 16.10
C MET A 156 -3.49 -4.51 15.72
N VAL A 157 -3.07 -4.11 14.52
CA VAL A 157 -1.67 -4.29 14.10
C VAL A 157 -0.82 -3.31 14.92
N ALA A 158 -1.24 -2.05 14.99
CA ALA A 158 -0.54 -1.06 15.80
C ALA A 158 -0.59 -1.53 17.28
N GLY A 159 -1.71 -2.09 17.71
CA GLY A 159 -1.85 -2.54 19.09
C GLY A 159 -0.80 -3.58 19.46
N HIS A 160 -0.69 -4.63 18.66
CA HIS A 160 0.29 -5.69 18.91
C HIS A 160 1.73 -5.22 18.80
N LEU A 161 2.07 -4.41 17.77
CA LEU A 161 3.44 -3.95 17.62
C LEU A 161 3.91 -3.05 18.77
N THR A 162 3.04 -2.14 19.20
CA THR A 162 3.40 -1.28 20.33
C THR A 162 3.68 -2.15 21.57
N ILE A 163 2.86 -3.15 21.81
CA ILE A 163 3.05 -4.03 22.95
C ILE A 163 4.33 -4.84 22.77
N MET A 164 4.57 -5.31 21.55
CA MET A 164 5.75 -6.14 21.32
C MET A 164 7.04 -5.41 21.53
N TYR A 165 7.07 -4.15 21.11
CA TYR A 165 8.30 -3.37 21.21
C TYR A 165 8.35 -2.42 22.39
N GLY A 166 7.27 -2.34 23.16
CA GLY A 166 7.22 -1.42 24.29
C GLY A 166 7.14 0.04 23.85
N LEU A 167 6.42 0.29 22.76
CA LEU A 167 6.27 1.66 22.24
C LEU A 167 5.12 2.34 22.96
N ARG A 168 5.40 3.51 23.53
CA ARG A 168 4.36 4.19 24.30
C ARG A 168 3.99 5.53 23.69
N GLY A 169 4.56 5.84 22.52
CA GLY A 169 4.23 7.10 21.86
C GLY A 169 2.87 7.02 21.18
N PRO A 170 2.53 8.03 20.39
CA PRO A 170 1.24 8.05 19.68
C PRO A 170 0.98 6.83 18.81
N SER A 171 -0.23 6.27 18.89
CA SER A 171 -0.64 5.18 18.02
C SER A 171 -2.01 5.52 17.44
N ILE A 172 -2.06 5.55 16.10
CA ILE A 172 -3.28 5.80 15.34
C ILE A 172 -3.38 4.76 14.21
N SER A 173 -4.58 4.61 13.66
CA SER A 173 -4.80 3.71 12.55
C SER A 173 -5.81 4.37 11.62
N ILE A 174 -5.38 4.68 10.40
CA ILE A 174 -6.29 5.32 9.42
C ILE A 174 -6.88 4.26 8.53
N ALA A 175 -8.21 4.25 8.45
CA ALA A 175 -8.93 3.29 7.59
C ALA A 175 -9.66 4.13 6.54
N THR A 176 -8.96 4.42 5.45
CA THR A 176 -9.52 5.17 4.33
C THR A 176 -9.56 4.28 3.10
N ALA A 177 -10.02 3.06 3.31
CA ALA A 177 -10.19 2.15 2.20
C ALA A 177 -8.88 1.97 1.42
N GLN A 178 -8.94 2.11 0.09
CA GLN A 178 -7.74 1.93 -0.76
C GLN A 178 -6.67 3.02 -0.63
N THR A 179 -6.96 4.07 0.10
CA THR A 179 -5.96 5.12 0.32
C THR A 179 -5.21 4.96 1.69
N SER A 180 -5.57 3.96 2.48
CA SER A 180 -5.02 3.84 3.86
C SER A 180 -3.51 3.87 3.98
N GLY A 181 -2.82 3.14 3.12
CA GLY A 181 -1.36 3.09 3.20
C GLY A 181 -0.72 4.45 3.12
N VAL A 182 -1.12 5.22 2.12
CA VAL A 182 -0.57 6.57 1.95
C VAL A 182 -0.94 7.48 3.13
N HIS A 183 -2.19 7.43 3.58
CA HIS A 183 -2.61 8.31 4.68
C HIS A 183 -1.90 7.98 5.98
N ASN A 184 -1.74 6.69 6.30
CA ASN A 184 -1.06 6.36 7.56
C ASN A 184 0.38 6.81 7.53
N ILE A 185 1.04 6.59 6.40
CA ILE A 185 2.45 7.04 6.28
C ILE A 185 2.55 8.57 6.37
N GLY A 186 1.67 9.29 5.66
CA GLY A 186 1.70 10.75 5.68
C GLY A 186 1.42 11.33 7.07
N HIS A 187 0.45 10.75 7.78
CA HIS A 187 0.15 11.23 9.13
C HIS A 187 1.21 10.83 10.15
N ALA A 188 1.88 9.71 9.92
CA ALA A 188 2.98 9.35 10.82
C ALA A 188 4.02 10.47 10.71
N ALA A 189 4.28 10.91 9.47
CA ALA A 189 5.24 11.97 9.21
C ALA A 189 4.78 13.29 9.87
N ARG A 190 3.50 13.61 9.75
CA ARG A 190 2.96 14.84 10.35
C ARG A 190 3.19 14.80 11.85
N ILE A 191 2.91 13.63 12.42
CA ILE A 191 3.08 13.44 13.88
C ILE A 191 4.51 13.69 14.32
N ILE A 192 5.47 13.20 13.55
CA ILE A 192 6.88 13.40 13.89
C ILE A 192 7.27 14.85 13.68
N ALA A 193 6.88 15.41 12.54
CA ALA A 193 7.21 16.79 12.23
C ALA A 193 6.62 17.79 13.20
N TYR A 194 5.45 17.49 13.74
CA TYR A 194 4.75 18.35 14.71
C TYR A 194 5.49 18.32 16.06
N GLY A 195 6.16 17.20 16.35
CA GLY A 195 6.92 17.06 17.59
C GLY A 195 6.34 16.02 18.53
N ASP A 196 5.24 15.38 18.12
CA ASP A 196 4.61 14.37 18.99
C ASP A 196 5.37 13.04 19.05
N ALA A 197 6.37 12.89 18.18
CA ALA A 197 7.16 11.65 18.18
C ALA A 197 8.49 11.81 17.43
N ASP A 198 9.45 10.91 17.65
CA ASP A 198 10.70 11.03 16.88
C ASP A 198 10.77 9.86 15.88
N VAL A 199 10.01 8.81 16.14
CA VAL A 199 10.02 7.62 15.27
C VAL A 199 8.60 7.10 15.23
N MET A 200 8.17 6.59 14.07
CA MET A 200 6.84 5.97 13.90
C MET A 200 7.03 4.83 12.89
N VAL A 201 6.48 3.67 13.18
CA VAL A 201 6.42 2.51 12.28
C VAL A 201 5.04 2.76 11.60
N ALA A 202 5.00 2.76 10.28
CA ALA A 202 3.75 3.13 9.60
C ALA A 202 3.51 2.38 8.34
N GLY A 203 2.24 2.19 8.01
CA GLY A 203 1.91 1.44 6.78
C GLY A 203 0.54 0.79 6.84
N GLY A 204 0.35 -0.35 6.18
CA GLY A 204 -0.97 -0.95 6.19
C GLY A 204 -0.86 -2.42 5.92
N ALA A 205 -1.95 -3.14 6.21
CA ALA A 205 -1.97 -4.58 6.02
C ALA A 205 -3.34 -4.99 5.54
N GLU A 206 -3.41 -6.04 4.73
CA GLU A 206 -4.70 -6.48 4.21
C GLU A 206 -4.69 -7.92 3.81
N LYS A 207 -5.79 -8.62 4.08
CA LYS A 207 -5.97 -9.99 3.64
C LYS A 207 -7.46 -10.13 3.27
N ALA A 208 -7.84 -9.57 2.13
CA ALA A 208 -9.26 -9.57 1.74
C ALA A 208 -9.64 -10.64 0.73
N SER A 209 -8.74 -11.59 0.50
CA SER A 209 -8.98 -12.71 -0.42
C SER A 209 -9.87 -13.74 0.25
N THR A 210 -11.09 -13.36 0.58
CA THR A 210 -12.01 -14.27 1.27
C THR A 210 -13.34 -14.26 0.53
N PRO A 211 -14.25 -15.16 0.90
CA PRO A 211 -15.57 -15.15 0.23
C PRO A 211 -16.22 -13.76 0.20
N LEU A 212 -16.26 -13.05 1.33
CA LEU A 212 -16.86 -11.70 1.33
C LEU A 212 -16.04 -10.68 0.56
N GLY A 213 -14.72 -10.82 0.59
CA GLY A 213 -13.93 -9.84 -0.12
C GLY A 213 -14.08 -9.99 -1.62
N VAL A 214 -13.87 -11.22 -2.11
CA VAL A 214 -13.96 -11.51 -3.54
C VAL A 214 -15.42 -11.42 -3.97
N GLY A 215 -16.32 -11.98 -3.19
CA GLY A 215 -17.73 -11.90 -3.51
C GLY A 215 -18.22 -10.46 -3.46
N GLY A 216 -17.71 -9.69 -2.51
CA GLY A 216 -18.16 -8.31 -2.30
C GLY A 216 -17.68 -7.34 -3.34
N PHE A 217 -16.38 -7.36 -3.65
CA PHE A 217 -15.92 -6.45 -4.71
C PHE A 217 -16.46 -6.97 -6.04
N GLY A 218 -16.72 -8.27 -6.13
CA GLY A 218 -17.29 -8.87 -7.34
C GLY A 218 -18.74 -8.44 -7.60
N ALA A 219 -19.54 -8.35 -6.52
CA ALA A 219 -20.95 -7.94 -6.61
C ALA A 219 -20.98 -6.53 -7.16
N ALA A 220 -19.98 -5.75 -6.83
CA ALA A 220 -19.91 -4.37 -7.30
C ALA A 220 -19.42 -4.24 -8.74
N ARG A 221 -19.13 -5.36 -9.40
CA ARG A 221 -18.64 -5.32 -10.80
C ARG A 221 -17.28 -4.62 -10.90
N ALA A 222 -16.49 -4.69 -9.82
CA ALA A 222 -15.22 -4.00 -9.84
C ALA A 222 -13.96 -4.85 -10.10
N LEU A 223 -14.12 -6.17 -10.08
CA LEU A 223 -12.99 -7.08 -10.29
C LEU A 223 -12.93 -7.65 -11.71
N SER A 224 -11.70 -7.89 -12.14
CA SER A 224 -11.43 -8.52 -13.43
C SER A 224 -11.94 -9.95 -13.27
N THR A 225 -12.51 -10.52 -14.34
CA THR A 225 -12.99 -11.89 -14.26
C THR A 225 -12.23 -12.73 -15.31
N ARG A 226 -11.02 -12.31 -15.66
CA ARG A 226 -10.23 -13.06 -16.64
C ARG A 226 -9.64 -14.33 -16.03
N ASN A 227 -10.50 -15.27 -15.68
CA ASN A 227 -10.06 -16.51 -15.04
C ASN A 227 -9.13 -17.43 -15.81
N ASP A 228 -9.23 -17.39 -17.14
CA ASP A 228 -8.42 -18.24 -18.03
C ASP A 228 -6.98 -17.77 -18.18
N ASN A 229 -6.69 -16.59 -17.65
CA ASN A 229 -5.34 -16.04 -17.68
C ASN A 229 -5.14 -15.04 -16.53
N PRO A 230 -5.13 -15.54 -15.29
CA PRO A 230 -4.99 -14.71 -14.09
C PRO A 230 -3.81 -13.71 -14.13
N GLN A 231 -2.66 -14.15 -14.63
CA GLN A 231 -1.49 -13.27 -14.68
C GLN A 231 -1.59 -12.15 -15.69
N ALA A 232 -2.52 -12.27 -16.65
CA ALA A 232 -2.69 -11.20 -17.65
C ALA A 232 -3.87 -10.30 -17.25
N ALA A 233 -4.63 -10.70 -16.23
CA ALA A 233 -5.79 -9.92 -15.77
C ALA A 233 -5.54 -8.46 -15.38
N SER A 234 -4.52 -8.23 -14.57
CA SER A 234 -4.22 -6.87 -14.15
C SER A 234 -3.43 -6.18 -15.25
N ARG A 235 -4.06 -5.23 -15.92
CA ARG A 235 -3.40 -4.59 -17.04
C ARG A 235 -3.79 -3.11 -17.11
N PRO A 236 -3.24 -2.30 -16.20
CA PRO A 236 -3.59 -0.89 -16.12
C PRO A 236 -3.40 -0.20 -17.47
N TRP A 237 -4.34 0.69 -17.80
CA TRP A 237 -4.34 1.44 -19.05
C TRP A 237 -4.46 0.64 -20.35
N ASP A 238 -4.59 -0.69 -20.25
CA ASP A 238 -4.74 -1.52 -21.44
C ASP A 238 -6.22 -1.52 -21.89
N LYS A 239 -6.44 -1.56 -23.20
CA LYS A 239 -7.79 -1.51 -23.74
C LYS A 239 -8.70 -2.64 -23.33
N GLU A 240 -8.11 -3.79 -23.03
CA GLU A 240 -8.90 -4.95 -22.64
C GLU A 240 -9.08 -5.10 -21.15
N ARG A 241 -8.64 -4.13 -20.37
CA ARG A 241 -8.76 -4.26 -18.92
C ARG A 241 -10.22 -4.36 -18.52
N ASP A 242 -10.50 -5.14 -17.48
CA ASP A 242 -11.88 -5.31 -17.02
C ASP A 242 -12.03 -5.29 -15.47
N GLY A 243 -11.25 -4.48 -14.76
CA GLY A 243 -11.41 -4.41 -13.31
C GLY A 243 -10.13 -4.73 -12.55
N PHE A 244 -10.12 -4.46 -11.25
CA PHE A 244 -8.91 -4.71 -10.48
C PHE A 244 -8.74 -6.15 -10.06
N VAL A 245 -7.52 -6.46 -9.60
CA VAL A 245 -7.20 -7.80 -9.13
C VAL A 245 -6.88 -7.65 -7.65
N LEU A 246 -7.51 -8.43 -6.80
CA LEU A 246 -7.24 -8.32 -5.37
C LEU A 246 -5.85 -8.89 -5.05
N GLY A 247 -5.11 -8.21 -4.15
CA GLY A 247 -3.83 -8.65 -3.66
C GLY A 247 -3.78 -8.61 -2.13
N ASP A 248 -3.01 -9.50 -1.51
CA ASP A 248 -2.87 -9.52 -0.03
C ASP A 248 -1.45 -9.12 0.38
N GLY A 249 -1.29 -8.63 1.61
CA GLY A 249 0.06 -8.31 2.06
C GLY A 249 0.14 -7.21 3.07
N ALA A 250 1.35 -6.67 3.27
CA ALA A 250 1.57 -5.59 4.22
C ALA A 250 2.86 -4.87 3.84
N GLY A 251 2.88 -3.58 4.10
CA GLY A 251 4.03 -2.76 3.85
C GLY A 251 4.20 -1.90 5.06
N MET A 252 5.45 -1.78 5.55
CA MET A 252 5.72 -0.97 6.72
C MET A 252 7.02 -0.19 6.60
N LEU A 253 7.01 1.08 6.99
CA LEU A 253 8.19 1.92 6.95
C LEU A 253 8.45 2.42 8.38
N VAL A 254 9.72 2.63 8.73
CA VAL A 254 10.05 3.25 10.01
C VAL A 254 10.40 4.66 9.58
N LEU A 255 9.64 5.64 10.05
CA LEU A 255 9.86 7.03 9.73
C LEU A 255 10.51 7.59 10.95
N GLU A 256 11.39 8.56 10.77
CA GLU A 256 12.17 9.07 11.90
C GLU A 256 12.70 10.49 11.67
N GLU A 257 12.65 11.31 12.71
CA GLU A 257 13.13 12.69 12.59
C GLU A 257 14.62 12.63 12.19
N TYR A 258 15.00 13.49 11.27
CA TYR A 258 16.35 13.49 10.67
C TYR A 258 17.53 13.52 11.63
N GLU A 259 17.51 14.47 12.57
CA GLU A 259 18.61 14.60 13.55
C GLU A 259 18.68 13.37 14.44
N HIS A 260 17.52 12.85 14.81
CA HIS A 260 17.47 11.66 15.63
C HIS A 260 18.10 10.51 14.86
N ALA A 261 17.81 10.41 13.55
CA ALA A 261 18.36 9.33 12.72
C ALA A 261 19.89 9.42 12.62
N LYS A 262 20.40 10.59 12.26
CA LYS A 262 21.86 10.78 12.12
C LYS A 262 22.58 10.43 13.43
N LYS A 263 22.11 11.05 14.52
CA LYS A 263 22.70 10.83 15.84
C LYS A 263 22.95 9.36 16.20
N ARG A 264 22.06 8.45 15.77
CA ARG A 264 22.28 7.04 16.09
C ARG A 264 22.96 6.28 14.98
N GLY A 265 23.37 6.98 13.93
CA GLY A 265 24.03 6.32 12.81
C GLY A 265 23.10 5.42 12.01
N ALA A 266 21.83 5.79 11.89
CA ALA A 266 20.83 5.01 11.13
C ALA A 266 21.15 4.99 9.65
N LYS A 267 20.72 3.96 8.94
CA LYS A 267 20.86 3.95 7.50
C LYS A 267 19.58 4.66 7.03
N ILE A 268 19.73 5.61 6.11
CA ILE A 268 18.62 6.41 5.62
C ILE A 268 18.27 6.08 4.16
N TYR A 269 17.09 5.48 3.93
CA TYR A 269 16.70 5.12 2.57
C TYR A 269 16.33 6.33 1.70
N ALA A 270 15.67 7.33 2.29
CA ALA A 270 15.22 8.48 1.54
C ALA A 270 14.54 9.41 2.53
N GLU A 271 14.11 10.58 2.04
CA GLU A 271 13.39 11.56 2.85
C GLU A 271 11.94 11.71 2.39
N LEU A 272 11.02 11.85 3.35
CA LEU A 272 9.61 12.06 3.02
C LEU A 272 9.40 13.57 3.06
N VAL A 273 9.23 14.18 1.90
CA VAL A 273 9.11 15.64 1.78
C VAL A 273 7.74 16.22 1.50
N GLY A 274 6.80 15.41 1.04
CA GLY A 274 5.50 16.01 0.75
C GLY A 274 4.38 15.02 0.94
N PHE A 275 3.24 15.52 1.37
CA PHE A 275 2.05 14.72 1.62
C PHE A 275 0.86 15.59 1.26
N GLY A 276 0.02 15.13 0.34
CA GLY A 276 -1.16 15.89 -0.03
C GLY A 276 -2.39 15.03 0.08
N MET A 277 -3.51 15.65 0.40
CA MET A 277 -4.79 14.96 0.54
C MET A 277 -5.86 15.71 -0.24
N SER A 278 -6.95 15.03 -0.61
CA SER A 278 -8.08 15.72 -1.27
C SER A 278 -9.26 14.78 -1.28
N SER A 279 -10.43 15.29 -1.71
CA SER A 279 -11.63 14.45 -1.81
C SER A 279 -12.27 14.77 -3.16
N ASP A 280 -12.81 13.75 -3.82
CA ASP A 280 -13.44 13.95 -5.13
C ASP A 280 -14.81 14.64 -5.00
N ALA A 281 -15.55 14.33 -3.92
CA ALA A 281 -16.91 14.88 -3.71
C ALA A 281 -17.72 14.60 -5.00
N TYR A 282 -17.61 13.38 -5.52
CA TYR A 282 -18.27 13.02 -6.77
C TYR A 282 -19.16 11.80 -6.67
N HIS A 283 -18.58 10.63 -6.43
CA HIS A 283 -19.37 9.43 -6.35
C HIS A 283 -18.66 8.50 -5.34
N MET A 284 -19.41 7.65 -4.67
CA MET A 284 -18.85 6.74 -3.64
C MET A 284 -17.87 5.70 -4.17
N THR A 285 -18.08 5.23 -5.41
CA THR A 285 -17.20 4.19 -5.94
C THR A 285 -16.58 4.47 -7.31
N SER A 286 -16.54 5.73 -7.72
CA SER A 286 -15.91 6.04 -8.99
C SER A 286 -15.39 7.48 -8.95
N PRO A 287 -14.23 7.76 -9.58
CA PRO A 287 -13.67 9.12 -9.62
C PRO A 287 -14.31 9.86 -10.79
N PRO A 288 -14.19 11.19 -10.82
CA PRO A 288 -14.73 11.98 -11.95
C PRO A 288 -13.80 11.81 -13.16
N GLU A 289 -14.37 11.90 -14.37
CA GLU A 289 -13.60 11.71 -15.62
C GLU A 289 -12.38 12.61 -15.66
N ASN A 290 -12.58 13.78 -15.09
CA ASN A 290 -11.64 14.87 -14.90
C ASN A 290 -10.37 14.48 -14.09
N GLY A 291 -10.55 13.58 -13.14
CA GLY A 291 -9.48 13.21 -12.20
C GLY A 291 -9.09 14.41 -11.36
N ALA A 292 -10.00 15.39 -11.20
CA ALA A 292 -9.68 16.60 -10.46
C ALA A 292 -9.26 16.40 -8.99
N GLY A 293 -9.75 15.35 -8.35
CA GLY A 293 -9.37 15.04 -6.96
C GLY A 293 -7.93 14.51 -6.92
N ALA A 294 -7.63 13.59 -7.82
CA ALA A 294 -6.28 12.99 -7.93
C ALA A 294 -5.34 14.13 -8.21
N ALA A 295 -5.71 14.99 -9.15
CA ALA A 295 -4.87 16.16 -9.46
C ALA A 295 -4.60 17.04 -8.21
N LEU A 296 -5.67 17.36 -7.47
CA LEU A 296 -5.55 18.20 -6.26
C LEU A 296 -4.65 17.56 -5.21
N ALA A 297 -4.75 16.26 -5.04
CA ALA A 297 -3.90 15.55 -4.06
C ALA A 297 -2.40 15.70 -4.48
N MET A 298 -2.12 15.46 -5.76
CA MET A 298 -0.76 15.63 -6.29
C MET A 298 -0.28 17.08 -6.15
N ALA A 299 -1.14 18.03 -6.54
CA ALA A 299 -0.80 19.44 -6.41
C ALA A 299 -0.46 19.81 -4.95
N ASN A 300 -1.22 19.27 -4.01
CA ASN A 300 -0.98 19.57 -2.59
C ASN A 300 0.34 18.99 -2.07
N ALA A 301 0.68 17.79 -2.54
CA ALA A 301 1.94 17.16 -2.11
C ALA A 301 3.11 17.97 -2.66
N LEU A 302 2.97 18.45 -3.91
CA LEU A 302 4.04 19.25 -4.54
C LEU A 302 4.26 20.55 -3.78
N ARG A 303 3.16 21.20 -3.43
CA ARG A 303 3.23 22.45 -2.64
C ARG A 303 3.83 22.19 -1.27
N ASP A 304 3.40 21.10 -0.63
CA ASP A 304 3.91 20.73 0.70
C ASP A 304 5.45 20.51 0.64
N ALA A 305 5.94 19.88 -0.42
CA ALA A 305 7.39 19.62 -0.58
C ALA A 305 8.13 20.82 -1.17
N GLY A 306 7.39 21.82 -1.65
CA GLY A 306 7.96 23.03 -2.23
C GLY A 306 8.66 22.82 -3.56
N ILE A 307 8.14 21.92 -4.39
CA ILE A 307 8.76 21.65 -5.69
C ILE A 307 7.74 21.72 -6.81
N GLU A 308 8.25 21.70 -8.05
CA GLU A 308 7.41 21.74 -9.25
C GLU A 308 7.24 20.34 -9.83
N ALA A 309 6.09 20.10 -10.47
CA ALA A 309 5.84 18.78 -11.04
C ALA A 309 7.00 18.26 -11.90
N SER A 310 7.71 19.17 -12.56
CA SER A 310 8.82 18.76 -13.44
C SER A 310 9.98 18.08 -12.72
N GLN A 311 10.07 18.26 -11.41
CA GLN A 311 11.17 17.63 -10.65
C GLN A 311 10.92 16.19 -10.30
N ILE A 312 9.69 15.73 -10.50
CA ILE A 312 9.38 14.32 -10.22
C ILE A 312 9.87 13.48 -11.40
N GLY A 313 10.56 12.37 -11.13
CA GLY A 313 10.98 11.57 -12.25
C GLY A 313 10.15 10.33 -12.44
N TYR A 314 9.45 9.92 -11.39
CA TYR A 314 8.64 8.72 -11.48
C TYR A 314 7.40 8.85 -10.57
N VAL A 315 6.25 8.41 -11.08
CA VAL A 315 5.01 8.38 -10.35
C VAL A 315 4.61 6.93 -10.24
N ASN A 316 4.48 6.42 -9.02
CA ASN A 316 3.98 5.06 -8.85
C ASN A 316 2.47 5.33 -8.74
N ALA A 317 1.77 5.06 -9.83
CA ALA A 317 0.34 5.32 -9.95
C ALA A 317 -0.53 4.49 -9.03
N HIS A 318 -1.77 4.92 -8.84
CA HIS A 318 -2.68 4.08 -8.11
C HIS A 318 -3.02 2.94 -9.11
N GLY A 319 -3.21 3.30 -10.39
CA GLY A 319 -3.50 2.39 -11.51
C GLY A 319 -4.01 1.01 -11.21
N THR A 320 -5.31 0.93 -10.88
CA THR A 320 -5.89 -0.35 -10.49
C THR A 320 -6.34 -1.33 -11.56
N SER A 321 -6.37 -0.88 -12.80
CA SER A 321 -6.85 -1.71 -13.94
C SER A 321 -8.39 -1.67 -14.16
N THR A 322 -9.04 -0.61 -13.65
CA THR A 322 -10.48 -0.45 -13.91
C THR A 322 -10.61 0.49 -15.12
N PRO A 323 -11.69 0.33 -15.90
CA PRO A 323 -11.85 1.23 -17.05
C PRO A 323 -11.87 2.71 -16.63
N ALA A 324 -12.75 3.10 -15.71
CA ALA A 324 -12.82 4.52 -15.36
C ALA A 324 -11.70 5.06 -14.49
N GLY A 325 -11.20 4.25 -13.55
CA GLY A 325 -10.16 4.77 -12.67
C GLY A 325 -8.86 5.09 -13.38
N ASP A 326 -8.39 4.19 -14.24
CA ASP A 326 -7.12 4.42 -14.92
C ASP A 326 -7.19 5.69 -15.76
N LYS A 327 -8.32 5.87 -16.45
CA LYS A 327 -8.49 7.05 -17.28
C LYS A 327 -8.42 8.33 -16.49
N ALA A 328 -9.07 8.35 -15.32
CA ALA A 328 -9.08 9.57 -14.51
C ALA A 328 -7.67 9.95 -14.03
N GLU A 329 -6.88 8.97 -13.64
CA GLU A 329 -5.55 9.28 -13.11
C GLU A 329 -4.64 9.78 -14.23
N ALA A 330 -4.78 9.16 -15.40
CA ALA A 330 -4.03 9.60 -16.59
C ALA A 330 -4.41 11.06 -16.86
N GLN A 331 -5.70 11.41 -16.77
CA GLN A 331 -6.07 12.82 -16.97
C GLN A 331 -5.44 13.69 -15.89
N ALA A 332 -5.46 13.21 -14.65
CA ALA A 332 -4.88 13.96 -13.54
C ALA A 332 -3.38 14.21 -13.74
N VAL A 333 -2.64 13.18 -14.13
CA VAL A 333 -1.18 13.35 -14.35
C VAL A 333 -0.96 14.38 -15.48
N LYS A 334 -1.72 14.26 -16.56
CA LYS A 334 -1.56 15.22 -17.67
C LYS A 334 -1.79 16.63 -17.16
N THR A 335 -2.86 16.81 -16.37
CA THR A 335 -3.16 18.12 -15.82
C THR A 335 -2.05 18.70 -14.93
N ILE A 336 -1.52 17.90 -14.02
CA ILE A 336 -0.51 18.39 -13.10
C ILE A 336 0.85 18.50 -13.78
N PHE A 337 1.18 17.54 -14.64
CA PHE A 337 2.49 17.57 -15.30
C PHE A 337 2.63 18.49 -16.49
N GLY A 338 1.52 18.73 -17.18
CA GLY A 338 1.48 19.64 -18.33
C GLY A 338 2.48 19.20 -19.39
N GLU A 339 3.41 20.10 -19.72
CA GLU A 339 4.47 19.88 -20.71
C GLU A 339 5.37 18.70 -20.35
N ALA A 340 5.76 18.64 -19.08
CA ALA A 340 6.64 17.58 -18.59
C ALA A 340 5.98 16.19 -18.54
N ALA A 341 4.68 16.12 -18.82
CA ALA A 341 3.95 14.84 -18.77
C ALA A 341 4.58 13.71 -19.57
N SER A 342 5.22 14.06 -20.68
CA SER A 342 5.89 13.07 -21.54
C SER A 342 7.24 12.67 -20.93
N ARG A 343 7.88 13.62 -20.22
CA ARG A 343 9.17 13.38 -19.58
C ARG A 343 9.12 12.54 -18.28
N VAL A 344 8.01 12.61 -17.54
CA VAL A 344 7.87 11.84 -16.28
C VAL A 344 7.54 10.40 -16.61
N LEU A 345 8.02 9.47 -15.80
CA LEU A 345 7.72 8.06 -15.98
C LEU A 345 6.56 7.71 -15.01
N VAL A 346 5.63 6.86 -15.43
CA VAL A 346 4.51 6.49 -14.57
C VAL A 346 4.36 5.01 -14.71
N SER A 347 4.21 4.28 -13.62
CA SER A 347 3.94 2.85 -13.80
C SER A 347 3.05 2.39 -12.69
N SER A 348 2.34 1.30 -12.92
CA SER A 348 1.51 0.69 -11.90
C SER A 348 2.03 -0.71 -11.58
N THR A 349 2.55 -0.89 -10.35
CA THR A 349 3.03 -2.20 -9.90
C THR A 349 1.87 -3.15 -9.61
N LYS A 350 0.64 -2.63 -9.58
CA LYS A 350 -0.52 -3.50 -9.37
C LYS A 350 -0.68 -4.47 -10.55
N SER A 351 -0.10 -4.10 -11.69
CA SER A 351 -0.07 -5.01 -12.87
C SER A 351 0.57 -6.35 -12.48
N MET A 352 1.41 -6.33 -11.45
CA MET A 352 2.09 -7.56 -11.03
C MET A 352 1.62 -8.08 -9.70
N THR A 353 1.44 -7.14 -8.81
CA THR A 353 1.12 -7.43 -7.43
C THR A 353 -0.38 -7.57 -7.15
N GLY A 354 -1.20 -6.95 -7.99
CA GLY A 354 -2.63 -6.98 -7.68
C GLY A 354 -2.80 -5.78 -6.74
N HIS A 355 -4.03 -5.56 -6.29
CA HIS A 355 -4.37 -4.40 -5.45
C HIS A 355 -4.46 -4.75 -3.97
N LEU A 356 -3.46 -4.33 -3.20
CA LEU A 356 -3.39 -4.60 -1.75
C LEU A 356 -4.34 -3.77 -0.88
N LEU A 357 -5.17 -2.96 -1.53
CA LEU A 357 -6.17 -2.12 -0.82
C LEU A 357 -5.55 -1.22 0.21
N GLY A 358 -5.88 -1.42 1.49
CA GLY A 358 -5.30 -0.60 2.56
C GLY A 358 -3.79 -0.64 2.69
N ALA A 359 -3.19 -1.71 2.22
CA ALA A 359 -1.71 -1.85 2.23
C ALA A 359 -1.06 -1.40 0.90
N ALA A 360 -1.87 -1.06 -0.11
CA ALA A 360 -1.36 -0.69 -1.45
C ALA A 360 -0.41 0.46 -1.45
N GLY A 361 -0.84 1.54 -0.81
CA GLY A 361 -0.08 2.75 -0.73
C GLY A 361 1.16 2.58 0.15
N ALA A 362 1.15 1.60 1.05
CA ALA A 362 2.30 1.34 1.94
C ALA A 362 3.39 0.60 1.13
N VAL A 363 3.02 -0.51 0.48
CA VAL A 363 3.99 -1.24 -0.38
C VAL A 363 4.46 -0.40 -1.54
N GLU A 364 3.56 0.42 -2.10
CA GLU A 364 3.91 1.28 -3.22
C GLU A 364 4.81 2.43 -2.87
N SER A 365 4.75 2.85 -1.61
CA SER A 365 5.63 3.92 -1.11
C SER A 365 7.04 3.28 -1.01
N ILE A 366 7.08 2.03 -0.59
CA ILE A 366 8.37 1.34 -0.57
C ILE A 366 8.96 1.27 -2.00
N TYR A 367 8.15 0.89 -2.99
CA TYR A 367 8.62 0.79 -4.39
C TYR A 367 9.15 2.15 -4.84
N SER A 368 8.45 3.19 -4.42
CA SER A 368 8.84 4.57 -4.75
C SER A 368 10.19 4.98 -4.15
N ILE A 369 10.49 4.43 -2.98
CA ILE A 369 11.74 4.74 -2.27
C ILE A 369 12.88 3.93 -2.92
N LEU A 370 12.62 2.65 -3.20
CA LEU A 370 13.63 1.78 -3.83
C LEU A 370 13.99 2.28 -5.24
N ALA A 371 13.01 2.89 -5.93
CA ALA A 371 13.26 3.45 -7.26
C ALA A 371 14.35 4.53 -7.14
N LEU A 372 14.30 5.30 -6.06
CA LEU A 372 15.31 6.35 -5.84
C LEU A 372 16.69 5.77 -5.56
N ARG A 373 16.74 4.72 -4.73
CA ARG A 373 17.98 4.07 -4.34
C ARG A 373 18.66 3.40 -5.51
N ASP A 374 17.88 2.65 -6.30
CA ASP A 374 18.40 1.91 -7.43
C ASP A 374 18.36 2.61 -8.79
N GLN A 375 17.76 3.78 -8.86
CA GLN A 375 17.65 4.49 -10.14
C GLN A 375 17.08 3.61 -11.24
N ALA A 376 16.03 2.86 -10.88
CA ALA A 376 15.38 1.95 -11.82
C ALA A 376 13.89 1.94 -11.49
N VAL A 377 13.06 1.95 -12.52
CA VAL A 377 11.60 2.01 -12.36
C VAL A 377 10.99 0.72 -12.88
N PRO A 378 10.10 0.09 -12.06
CA PRO A 378 9.45 -1.17 -12.46
C PRO A 378 8.39 -0.87 -13.51
N PRO A 379 8.08 -1.86 -14.33
CA PRO A 379 7.12 -1.66 -15.42
C PRO A 379 5.64 -1.89 -15.09
N THR A 380 4.80 -1.46 -16.03
CA THR A 380 3.38 -1.79 -16.00
C THR A 380 3.35 -2.98 -16.97
N ILE A 381 3.26 -4.21 -16.47
CA ILE A 381 3.19 -5.37 -17.34
C ILE A 381 1.78 -5.47 -17.91
N ASN A 382 1.62 -6.30 -18.96
CA ASN A 382 0.33 -6.49 -19.63
C ASN A 382 -0.20 -5.32 -20.44
N LEU A 383 0.58 -4.24 -20.55
CA LEU A 383 0.15 -3.05 -21.31
C LEU A 383 0.37 -3.23 -22.83
N ASP A 384 -0.33 -4.20 -23.39
CA ASP A 384 -0.22 -4.55 -24.81
C ASP A 384 -0.76 -3.50 -25.76
N ASN A 385 -1.92 -2.96 -25.41
CA ASN A 385 -2.57 -1.96 -26.24
C ASN A 385 -3.20 -0.84 -25.39
N PRO A 386 -2.42 0.20 -25.11
CA PRO A 386 -2.86 1.36 -24.32
C PRO A 386 -4.06 2.10 -24.91
N ASP A 387 -4.82 2.75 -24.04
CA ASP A 387 -5.94 3.55 -24.46
C ASP A 387 -5.39 4.56 -25.46
N GLU A 388 -6.24 4.98 -26.39
CA GLU A 388 -5.80 5.96 -27.37
C GLU A 388 -5.86 7.34 -26.75
N GLY A 389 -5.23 8.29 -27.44
CA GLY A 389 -5.21 9.69 -27.07
C GLY A 389 -4.34 10.07 -25.90
N CYS A 390 -3.59 9.12 -25.36
CA CYS A 390 -2.72 9.41 -24.19
C CYS A 390 -1.24 9.37 -24.50
N ASP A 391 -0.55 10.49 -24.32
CA ASP A 391 0.88 10.53 -24.61
C ASP A 391 1.80 10.28 -23.42
N LEU A 392 1.28 9.62 -22.38
CA LEU A 392 2.08 9.35 -21.19
C LEU A 392 2.93 8.10 -21.34
N ASP A 393 4.08 8.11 -20.70
CA ASP A 393 4.97 6.95 -20.72
C ASP A 393 4.66 6.13 -19.47
N PHE A 394 3.92 5.05 -19.65
CA PHE A 394 3.53 4.15 -18.56
C PHE A 394 4.55 3.02 -18.35
N VAL A 395 5.74 3.14 -18.96
CA VAL A 395 6.78 2.10 -18.80
C VAL A 395 6.28 0.71 -19.09
N PRO A 396 5.65 0.51 -20.27
CA PRO A 396 5.14 -0.84 -20.54
C PRO A 396 6.16 -1.99 -20.56
N HIS A 397 5.74 -3.15 -20.07
CA HIS A 397 6.50 -4.38 -20.14
C HIS A 397 7.80 -4.65 -19.39
N GLU A 398 8.77 -3.75 -19.55
CA GLU A 398 10.13 -3.91 -18.98
C GLU A 398 10.57 -2.72 -18.14
N ALA A 399 11.35 -3.00 -17.08
CA ALA A 399 11.87 -1.95 -16.21
C ALA A 399 12.66 -0.97 -17.03
N ARG A 400 12.86 0.21 -16.48
CA ARG A 400 13.55 1.29 -17.18
C ARG A 400 14.60 1.89 -16.26
N GLN A 401 15.79 2.16 -16.82
CA GLN A 401 16.87 2.75 -16.04
C GLN A 401 16.60 4.25 -16.03
N VAL A 402 16.93 4.93 -14.94
CA VAL A 402 16.76 6.39 -14.89
C VAL A 402 18.12 6.98 -14.52
N SER A 403 18.28 8.26 -14.79
CA SER A 403 19.56 8.89 -14.57
C SER A 403 19.76 9.69 -13.30
N GLY A 404 19.30 10.92 -13.26
CA GLY A 404 19.58 11.63 -12.02
C GLY A 404 18.27 11.91 -11.29
N MET A 405 17.51 10.84 -11.01
CA MET A 405 16.21 11.01 -10.37
C MET A 405 16.33 11.40 -8.90
N GLU A 406 15.74 12.54 -8.55
CA GLU A 406 15.79 13.01 -7.17
C GLU A 406 14.47 12.87 -6.37
N TYR A 407 13.34 12.78 -7.06
CA TYR A 407 12.03 12.68 -6.40
C TYR A 407 11.09 11.70 -7.08
N THR A 408 10.35 10.95 -6.26
CA THR A 408 9.33 10.03 -6.75
C THR A 408 7.99 10.43 -6.05
N LEU A 409 6.87 10.10 -6.67
CA LEU A 409 5.54 10.45 -6.15
C LEU A 409 4.68 9.18 -6.17
N CYS A 410 4.02 8.90 -5.03
CA CYS A 410 3.18 7.71 -4.89
C CYS A 410 1.71 8.14 -4.67
N ASN A 411 0.79 7.68 -5.53
CA ASN A 411 -0.65 7.99 -5.37
C ASN A 411 -1.43 6.80 -4.85
N SER A 412 -2.49 7.06 -4.09
CA SER A 412 -3.41 6.03 -3.64
C SER A 412 -4.78 6.74 -3.62
N PHE A 413 -5.82 6.12 -4.15
CA PHE A 413 -7.16 6.75 -4.13
C PHE A 413 -8.13 5.72 -3.55
N GLY A 414 -9.28 6.14 -3.01
CA GLY A 414 -10.17 5.14 -2.43
C GLY A 414 -11.65 5.40 -2.55
N PHE A 415 -12.45 4.38 -2.26
CA PHE A 415 -13.92 4.52 -2.29
C PHE A 415 -14.22 5.67 -1.33
N GLY A 416 -15.26 6.43 -1.63
CA GLY A 416 -15.59 7.59 -0.83
C GLY A 416 -14.88 8.79 -1.44
N GLY A 417 -14.18 8.56 -2.55
CA GLY A 417 -13.49 9.70 -3.18
C GLY A 417 -12.33 10.29 -2.38
N THR A 418 -11.75 9.51 -1.48
CA THR A 418 -10.62 9.98 -0.67
C THR A 418 -9.28 9.72 -1.33
N ASN A 419 -8.46 10.75 -1.43
CA ASN A 419 -7.18 10.66 -2.14
C ASN A 419 -5.98 11.12 -1.32
N GLY A 420 -4.81 10.58 -1.65
CA GLY A 420 -3.59 10.96 -0.98
C GLY A 420 -2.41 10.77 -1.93
N SER A 421 -1.38 11.58 -1.73
CA SER A 421 -0.14 11.48 -2.52
C SER A 421 1.06 11.75 -1.61
N LEU A 422 2.14 11.00 -1.78
CA LEU A 422 3.36 11.23 -0.99
C LEU A 422 4.50 11.50 -1.98
N ILE A 423 5.46 12.31 -1.54
CA ILE A 423 6.63 12.64 -2.36
C ILE A 423 7.89 12.28 -1.57
N PHE A 424 8.76 11.44 -2.14
CA PHE A 424 9.99 11.02 -1.49
C PHE A 424 11.17 11.68 -2.22
N LYS A 425 12.21 12.04 -1.48
CA LYS A 425 13.38 12.71 -2.05
C LYS A 425 14.65 11.89 -1.79
N LYS A 426 15.49 11.81 -2.81
CA LYS A 426 16.73 11.06 -2.66
C LYS A 426 17.60 11.65 -1.54
N ILE A 427 18.17 10.79 -0.71
CA ILE A 427 19.03 11.16 0.43
C ILE A 427 18.49 12.13 1.48
#